data_8ZQO
#
_entry.id   8ZQO
#
_cell.length_a   1.00
_cell.length_b   1.00
_cell.length_c   1.00
_cell.angle_alpha   90.00
_cell.angle_beta   90.00
_cell.angle_gamma   90.00
#
_symmetry.space_group_name_H-M   'P 1'
#
loop_
_entity.id
_entity.type
_entity.pdbx_description
1 polymer 'High affinity choline transporter 1'
2 branched beta-D-mannopyranose-(1-4)-2-acetamido-2-deoxy-beta-D-glucopyranose-(1-4)-2-acetamido-2-deoxy-beta-D-glucopyranose
3 non-polymer 'SODIUM ION'
4 non-polymer "(2S,2'S)-2,2'-biphenyl-4,4'-diylbis(2-hydroxy-4,4-dimethylmorpholin-4-ium)"
5 non-polymer 'CHLORIDE ION'
6 water water
#
_entity_poly.entity_id   1
_entity_poly.type   'polypeptide(L)'
_entity_poly.pdbx_seq_one_letter_code
;MAFHVEGLIAIIVFYLLILLVGIWAAWRTKNSGSAEERSEAIIVGGRDIGLLVGGFTMTATWVGGGYINGTAEAVYVPGY
GLAWAQAPIGYSLSLILGGLFFAKPMRSKGYVTMLDPFQQIYGKRMGGLLFIPALMGEMFWAAAIFSALGATISVIIDVD
MHISVIISALIATLYTLVGGLYSVAYTDVVQLFCIFVGLWISVPFALSHPAVADIGFTAVHAKYQKPWLGTVDSSEVYSW
LDSFLLLMLGGIPWQAYFQRVLSSSSATYAQVLSFLAAFGCLVMAIPAILIGAIGASTDWNQTAYGLPDPKTTEEADMIL
PIVLQYLCPVYISFFGLGAVSAAVMSSADSSILSASSMFARNIYQLSFRQNASDKEIVWVMRITVFVFGASATAMALLTK
TVYGLWYLSSDLVYIVIFPQLLCVLFVKGTNTYGAVAGYVSGLFLRITGGEPYLYLQPLIFYPGYYPDDNGIYNQKFPFK
TLAMVTSFLTNICISYLAKYLFESGTLPPKLDVFDAVVARHSEENMDKTILVKNENIKLDELALVKPRQSMTLSSTFTNK
EAFLDVDSSPEGSGTEDNLQ
;
_entity_poly.pdbx_strand_id   A
#
loop_
_chem_comp.id
_chem_comp.type
_chem_comp.name
_chem_comp.formula
BMA D-saccharide, beta linking beta-D-mannopyranose 'C6 H12 O6'
CL non-polymer 'CHLORIDE ION' 'Cl -1'
HC6 non-polymer (2S,2'S)-2,2'-biphenyl-4,4'-diylbis(2-hydroxy-4,4-dimethylmorpholin-4-ium) 'C24 H34 N2 O4 2'
NA non-polymer 'SODIUM ION' 'Na 1'
NAG D-saccharide, beta linking 2-acetamido-2-deoxy-beta-D-glucopyranose 'C8 H15 N O6'
#
# COMPACT_ATOMS: atom_id res chain seq x y z
N PHE A 3 -5.51 3.75 32.27
CA PHE A 3 -4.84 4.95 31.78
C PHE A 3 -3.50 5.16 32.48
N HIS A 4 -2.42 4.96 31.74
CA HIS A 4 -1.06 5.18 32.23
C HIS A 4 -0.49 6.41 31.56
N VAL A 5 -0.09 7.40 32.37
CA VAL A 5 0.44 8.65 31.83
C VAL A 5 1.82 8.43 31.21
N GLU A 6 2.58 7.45 31.72
CA GLU A 6 3.94 7.23 31.23
C GLU A 6 3.95 6.86 29.75
N GLY A 7 3.02 6.01 29.32
CA GLY A 7 2.94 5.66 27.91
C GLY A 7 2.61 6.86 27.03
N LEU A 8 1.69 7.72 27.50
CA LEU A 8 1.37 8.92 26.74
C LEU A 8 2.57 9.85 26.63
N ILE A 9 3.31 10.03 27.73
CA ILE A 9 4.50 10.88 27.69
C ILE A 9 5.52 10.30 26.72
N ALA A 10 5.72 8.99 26.76
CA ALA A 10 6.69 8.35 25.86
C ALA A 10 6.30 8.52 24.41
N ILE A 11 5.01 8.34 24.09
CA ILE A 11 4.58 8.47 22.70
C ILE A 11 4.69 9.92 22.23
N ILE A 12 4.42 10.88 23.11
CA ILE A 12 4.57 12.29 22.74
C ILE A 12 6.03 12.62 22.48
N VAL A 13 6.93 12.13 23.33
CA VAL A 13 8.36 12.36 23.13
C VAL A 13 8.83 11.73 21.82
N PHE A 14 8.33 10.53 21.52
CA PHE A 14 8.68 9.87 20.26
C PHE A 14 8.23 10.69 19.05
N TYR A 15 6.99 11.20 19.10
CA TYR A 15 6.49 12.01 17.99
C TYR A 15 7.32 13.29 17.82
N LEU A 16 7.67 13.94 18.93
CA LEU A 16 8.47 15.16 18.85
C LEU A 16 9.86 14.86 18.29
N LEU A 17 10.45 13.73 18.66
CA LEU A 17 11.75 13.35 18.11
C LEU A 17 11.67 13.12 16.60
N ILE A 18 10.61 12.45 16.14
CA ILE A 18 10.45 12.22 14.71
C ILE A 18 10.31 13.55 13.97
N LEU A 19 9.52 14.47 14.52
CA LEU A 19 9.35 15.78 13.90
C LEU A 19 10.67 16.54 13.84
N LEU A 20 11.46 16.47 14.92
CA LEU A 20 12.77 17.13 14.93
C LEU A 20 13.69 16.56 13.88
N VAL A 21 13.70 15.23 13.71
CA VAL A 21 14.54 14.61 12.69
C VAL A 21 14.12 15.08 11.30
N GLY A 22 12.81 15.14 11.05
CA GLY A 22 12.35 15.61 9.76
C GLY A 22 12.74 17.05 9.47
N ILE A 23 12.61 17.93 10.48
CA ILE A 23 12.97 19.32 10.30
C ILE A 23 14.48 19.45 10.04
N TRP A 24 15.29 18.68 10.77
CA TRP A 24 16.73 18.72 10.54
C TRP A 24 17.08 18.26 9.14
N ALA A 25 16.43 17.21 8.65
CA ALA A 25 16.69 16.74 7.29
C ALA A 25 16.32 17.81 6.26
N ALA A 26 15.17 18.47 6.45
CA ALA A 26 14.78 19.53 5.54
C ALA A 26 15.79 20.68 5.55
N TRP A 27 16.34 21.08 6.67
CA TRP A 27 17.36 22.14 6.65
C TRP A 27 18.60 21.66 5.91
N ARG A 28 19.15 20.55 6.34
CA ARG A 28 20.45 20.18 5.72
C ARG A 28 20.36 19.82 4.23
N THR A 29 19.20 19.42 3.70
CA THR A 29 19.15 19.11 2.28
C THR A 29 18.53 20.25 1.47
N LYS A 30 18.81 21.49 1.87
CA LYS A 30 18.21 22.64 1.19
C LYS A 30 18.86 22.93 -0.16
N ASN A 31 20.18 22.74 -0.27
CA ASN A 31 20.93 23.13 -1.45
C ASN A 31 21.19 21.98 -2.41
N SER A 32 20.36 20.94 -2.38
CA SER A 32 20.52 19.80 -3.26
C SER A 32 19.66 19.98 -4.51
N GLY A 33 20.30 19.98 -5.67
CA GLY A 33 19.61 20.16 -6.93
C GLY A 33 19.92 21.52 -7.54
N SER A 34 19.24 21.77 -8.66
CA SER A 34 19.40 23.04 -9.36
C SER A 34 18.81 24.19 -8.54
N ALA A 35 19.43 25.36 -8.66
CA ALA A 35 18.96 26.54 -7.94
C ALA A 35 17.67 27.10 -8.53
N GLU A 36 17.27 26.67 -9.72
CA GLU A 36 16.05 27.13 -10.36
C GLU A 36 14.92 26.10 -10.36
N GLU A 37 15.25 24.81 -10.40
CA GLU A 37 14.23 23.76 -10.42
C GLU A 37 14.01 23.23 -9.00
N ARG A 38 13.38 24.09 -8.19
CA ARG A 38 13.09 23.71 -6.80
C ARG A 38 11.91 22.73 -6.74
N SER A 39 10.92 22.91 -7.61
CA SER A 39 9.76 22.02 -7.60
C SER A 39 10.15 20.59 -7.93
N GLU A 40 10.99 20.40 -8.94
CA GLU A 40 11.47 19.06 -9.26
C GLU A 40 12.39 18.53 -8.18
N ALA A 41 13.12 19.43 -7.50
CA ALA A 41 13.95 19.02 -6.38
C ALA A 41 13.10 18.39 -5.27
N ILE A 42 11.99 19.04 -4.92
CA ILE A 42 11.12 18.52 -3.86
C ILE A 42 10.64 17.12 -4.19
N ILE A 43 10.59 16.75 -5.47
CA ILE A 43 10.06 15.46 -5.89
C ILE A 43 11.16 14.40 -5.97
N VAL A 44 12.31 14.71 -6.57
CA VAL A 44 13.30 13.67 -6.86
C VAL A 44 14.57 13.76 -6.01
N GLY A 45 14.81 14.86 -5.29
CA GLY A 45 15.97 14.93 -4.44
C GLY A 45 17.28 15.18 -5.14
N GLY A 46 17.26 15.48 -6.44
CA GLY A 46 18.50 15.64 -7.16
C GLY A 46 19.14 14.35 -7.63
N ARG A 47 18.47 13.21 -7.44
CA ARG A 47 18.95 11.89 -7.89
C ARG A 47 20.33 11.58 -7.30
N ASP A 48 20.38 11.50 -5.97
CA ASP A 48 21.64 11.28 -5.27
C ASP A 48 21.53 10.28 -4.13
N ILE A 49 20.40 9.61 -3.96
CA ILE A 49 20.20 8.70 -2.83
C ILE A 49 20.97 7.42 -3.07
N GLY A 50 21.60 6.91 -2.01
CA GLY A 50 22.46 5.75 -2.10
C GLY A 50 21.68 4.45 -2.06
N LEU A 51 22.37 3.39 -1.63
CA LEU A 51 21.82 2.04 -1.61
C LEU A 51 21.11 1.71 -0.29
N LEU A 52 21.81 1.90 0.83
CA LEU A 52 21.23 1.53 2.13
C LEU A 52 20.01 2.39 2.44
N VAL A 53 20.08 3.69 2.18
CA VAL A 53 18.95 4.57 2.45
C VAL A 53 17.76 4.17 1.58
N GLY A 54 18.01 3.89 0.30
CA GLY A 54 16.93 3.49 -0.58
C GLY A 54 16.27 2.19 -0.16
N GLY A 55 17.06 1.19 0.19
CA GLY A 55 16.49 -0.06 0.67
C GLY A 55 15.70 0.10 1.96
N PHE A 56 16.24 0.87 2.90
CA PHE A 56 15.55 1.09 4.17
C PHE A 56 14.23 1.83 3.96
N THR A 57 14.23 2.86 3.10
CA THR A 57 13.00 3.62 2.91
C THR A 57 11.97 2.83 2.11
N MET A 58 12.40 1.97 1.18
CA MET A 58 11.44 1.10 0.49
C MET A 58 10.82 0.10 1.45
N THR A 59 11.65 -0.52 2.30
CA THR A 59 11.13 -1.47 3.28
C THR A 59 10.16 -0.80 4.24
N ALA A 60 10.49 0.41 4.71
CA ALA A 60 9.58 1.13 5.59
C ALA A 60 8.29 1.49 4.89
N THR A 61 8.37 1.87 3.61
CA THR A 61 7.17 2.21 2.86
C THR A 61 6.23 1.01 2.73
N TRP A 62 6.77 -0.16 2.40
CA TRP A 62 5.89 -1.31 2.17
C TRP A 62 5.36 -1.93 3.46
N VAL A 63 6.15 -1.93 4.53
CA VAL A 63 5.69 -2.51 5.80
C VAL A 63 4.83 -1.59 6.66
N GLY A 64 3.52 -1.70 6.52
CA GLY A 64 2.60 -0.88 7.28
C GLY A 64 1.77 -1.55 8.36
N GLY A 65 0.88 -0.79 8.99
CA GLY A 65 0.05 -1.33 10.05
C GLY A 65 -0.79 -2.46 9.51
N GLY A 66 -1.55 -2.18 8.46
CA GLY A 66 -2.36 -3.20 7.80
C GLY A 66 -1.67 -4.51 7.54
N TYR A 67 -0.46 -4.46 6.99
CA TYR A 67 0.34 -5.66 6.74
C TYR A 67 0.55 -6.45 8.02
N ILE A 68 1.05 -5.79 9.06
CA ILE A 68 1.37 -6.44 10.33
C ILE A 68 0.13 -7.00 11.00
N ASN A 69 -0.97 -6.23 11.06
CA ASN A 69 -2.18 -6.74 11.70
C ASN A 69 -2.84 -7.85 10.90
N GLY A 70 -2.86 -7.71 9.57
CA GLY A 70 -3.52 -8.69 8.73
C GLY A 70 -2.84 -10.04 8.71
N THR A 71 -1.50 -10.05 8.73
CA THR A 71 -0.81 -11.34 8.77
C THR A 71 -1.18 -12.11 10.05
N ALA A 72 -1.15 -11.43 11.19
CA ALA A 72 -1.51 -12.08 12.45
C ALA A 72 -2.97 -12.53 12.45
N GLU A 73 -3.87 -11.68 11.92
CA GLU A 73 -5.28 -12.06 11.87
C GLU A 73 -5.49 -13.28 10.99
N ALA A 74 -4.82 -13.34 9.84
CA ALA A 74 -4.97 -14.47 8.93
C ALA A 74 -4.45 -15.76 9.57
N VAL A 75 -3.33 -15.68 10.28
CA VAL A 75 -2.81 -16.89 10.93
C VAL A 75 -3.73 -17.32 12.08
N TYR A 76 -4.31 -16.36 12.81
CA TYR A 76 -5.08 -16.70 14.00
C TYR A 76 -6.44 -17.31 13.67
N VAL A 77 -7.13 -16.76 12.68
CA VAL A 77 -8.53 -17.13 12.43
C VAL A 77 -8.60 -18.57 11.92
N PRO A 78 -9.46 -19.41 12.49
CA PRO A 78 -9.62 -20.77 11.98
C PRO A 78 -10.17 -20.78 10.57
N GLY A 79 -9.73 -21.76 9.79
CA GLY A 79 -10.10 -21.86 8.40
C GLY A 79 -9.20 -21.11 7.44
N TYR A 80 -8.24 -20.34 7.94
CA TYR A 80 -7.25 -19.66 7.11
C TYR A 80 -5.85 -20.19 7.33
N GLY A 81 -5.34 -20.14 8.56
CA GLY A 81 -4.03 -20.66 8.85
C GLY A 81 -2.90 -19.89 8.18
N LEU A 82 -1.72 -20.50 8.23
CA LEU A 82 -0.55 -19.90 7.59
C LEU A 82 -0.63 -19.99 6.07
N ALA A 83 -1.37 -20.98 5.54
CA ALA A 83 -1.44 -21.16 4.10
C ALA A 83 -2.14 -20.00 3.40
N TRP A 84 -2.98 -19.26 4.12
CA TRP A 84 -3.74 -18.16 3.53
C TRP A 84 -3.16 -16.79 3.88
N ALA A 85 -1.98 -16.74 4.49
CA ALA A 85 -1.29 -15.48 4.74
C ALA A 85 -0.38 -15.22 3.55
N GLN A 86 -0.92 -14.52 2.55
CA GLN A 86 -0.25 -14.36 1.27
C GLN A 86 0.52 -13.05 1.13
N ALA A 87 0.45 -12.15 2.10
CA ALA A 87 1.10 -10.84 1.97
C ALA A 87 2.62 -10.93 1.86
N PRO A 88 3.34 -11.67 2.72
CA PRO A 88 4.81 -11.62 2.63
C PRO A 88 5.38 -12.13 1.31
N ILE A 89 4.97 -13.32 0.88
CA ILE A 89 5.48 -13.89 -0.36
C ILE A 89 5.09 -13.03 -1.56
N GLY A 90 3.85 -12.52 -1.56
CA GLY A 90 3.42 -11.65 -2.64
C GLY A 90 4.23 -10.38 -2.72
N TYR A 91 4.47 -9.73 -1.58
CA TYR A 91 5.27 -8.51 -1.57
C TYR A 91 6.69 -8.77 -2.07
N SER A 92 7.31 -9.85 -1.57
CA SER A 92 8.68 -10.15 -1.97
C SER A 92 8.77 -10.45 -3.46
N LEU A 93 7.83 -11.24 -3.98
CA LEU A 93 7.88 -11.58 -5.40
C LEU A 93 7.61 -10.36 -6.27
N SER A 94 6.70 -9.48 -5.84
CA SER A 94 6.45 -8.24 -6.58
C SER A 94 7.70 -7.37 -6.63
N LEU A 95 8.39 -7.23 -5.50
CA LEU A 95 9.61 -6.41 -5.49
C LEU A 95 10.70 -7.04 -6.35
N ILE A 96 10.85 -8.37 -6.30
CA ILE A 96 11.87 -9.03 -7.11
C ILE A 96 11.55 -8.86 -8.60
N LEU A 97 10.33 -9.00 -9.04
CA LEU A 97 9.94 -8.78 -10.42
C LEU A 97 10.08 -7.39 -10.87
N GLY A 98 9.79 -6.46 -9.99
CA GLY A 98 10.06 -5.07 -10.33
C GLY A 98 11.53 -4.80 -10.56
N GLY A 99 12.37 -5.19 -9.60
CA GLY A 99 13.80 -5.00 -9.78
C GLY A 99 14.35 -5.70 -11.01
N LEU A 100 13.84 -6.90 -11.31
CA LEU A 100 14.36 -7.66 -12.44
C LEU A 100 14.00 -7.02 -13.77
N PHE A 101 12.76 -6.57 -13.94
CA PHE A 101 12.30 -6.16 -15.26
C PHE A 101 12.03 -4.67 -15.39
N PHE A 102 11.37 -4.04 -14.43
CA PHE A 102 11.10 -2.62 -14.50
C PHE A 102 12.23 -1.87 -13.79
N ALA A 103 12.10 -0.55 -13.73
CA ALA A 103 12.94 0.32 -12.92
C ALA A 103 14.36 0.50 -13.45
N LYS A 104 14.77 -0.31 -14.42
CA LYS A 104 15.95 0.04 -15.18
C LYS A 104 15.59 0.95 -16.36
N PRO A 105 14.60 0.60 -17.19
CA PRO A 105 14.20 1.53 -18.26
C PRO A 105 13.62 2.84 -17.75
N MET A 106 12.99 2.83 -16.57
CA MET A 106 12.44 4.07 -16.03
C MET A 106 13.52 4.99 -15.50
N ARG A 107 14.53 4.45 -14.82
CA ARG A 107 15.62 5.27 -14.32
C ARG A 107 16.58 5.68 -15.43
N SER A 108 16.68 4.88 -16.51
CA SER A 108 17.56 5.24 -17.60
C SER A 108 17.06 6.49 -18.34
N LYS A 109 15.75 6.73 -18.35
CA LYS A 109 15.18 7.85 -19.07
C LYS A 109 15.06 9.11 -18.24
N GLY A 110 15.38 9.06 -16.95
CA GLY A 110 15.34 10.23 -16.10
C GLY A 110 13.97 10.83 -15.94
N TYR A 111 12.97 9.99 -15.68
CA TYR A 111 11.61 10.47 -15.44
C TYR A 111 11.49 11.08 -14.05
N VAL A 112 10.50 11.95 -13.89
CA VAL A 112 10.22 12.59 -12.62
C VAL A 112 9.07 11.91 -11.89
N THR A 113 8.03 11.52 -12.62
CA THR A 113 6.86 10.87 -12.04
C THR A 113 6.46 9.72 -12.95
N MET A 114 5.82 8.71 -12.35
CA MET A 114 5.39 7.54 -13.10
C MET A 114 4.46 7.88 -14.27
N LEU A 115 3.74 9.00 -14.19
CA LEU A 115 2.82 9.38 -15.26
C LEU A 115 3.52 10.03 -16.45
N ASP A 116 4.82 10.29 -16.37
CA ASP A 116 5.51 10.91 -17.50
C ASP A 116 5.51 10.05 -18.76
N PRO A 117 5.86 8.76 -18.73
CA PRO A 117 5.77 7.96 -19.97
C PRO A 117 4.37 7.92 -20.55
N PHE A 118 3.35 7.77 -19.70
CA PHE A 118 1.97 7.73 -20.19
C PHE A 118 1.62 9.00 -20.94
N GLN A 119 1.94 10.15 -20.35
CA GLN A 119 1.65 11.42 -21.00
C GLN A 119 2.41 11.54 -22.32
N GLN A 120 3.73 11.34 -22.28
CA GLN A 120 4.55 11.55 -23.47
C GLN A 120 4.22 10.58 -24.60
N ILE A 121 3.63 9.42 -24.30
CA ILE A 121 3.32 8.45 -25.34
C ILE A 121 1.88 8.59 -25.83
N TYR A 122 0.93 8.89 -24.95
CA TYR A 122 -0.48 8.93 -25.33
C TYR A 122 -1.01 10.35 -25.49
N GLY A 123 -0.83 11.21 -24.50
CA GLY A 123 -1.47 12.50 -24.49
C GLY A 123 -1.79 12.93 -23.06
N LYS A 124 -1.95 14.24 -22.88
CA LYS A 124 -2.24 14.79 -21.56
C LYS A 124 -3.60 14.31 -21.04
N ARG A 125 -4.58 14.14 -21.94
CA ARG A 125 -5.89 13.69 -21.52
C ARG A 125 -5.85 12.27 -20.98
N MET A 126 -5.13 11.37 -21.66
CA MET A 126 -4.98 10.01 -21.14
C MET A 126 -4.16 9.99 -19.86
N GLY A 127 -3.11 10.82 -19.79
CA GLY A 127 -2.34 10.90 -18.56
C GLY A 127 -3.16 11.38 -17.38
N GLY A 128 -4.12 12.29 -17.63
CA GLY A 128 -5.01 12.74 -16.57
C GLY A 128 -6.09 11.75 -16.24
N LEU A 129 -6.55 10.97 -17.22
CA LEU A 129 -7.51 9.91 -16.94
C LEU A 129 -6.90 8.83 -16.08
N LEU A 130 -5.62 8.55 -16.27
CA LEU A 130 -4.93 7.52 -15.48
C LEU A 130 -4.57 8.01 -14.08
N PHE A 131 -4.86 9.27 -13.78
CA PHE A 131 -4.52 9.83 -12.47
C PHE A 131 -5.51 9.43 -11.38
N ILE A 132 -6.78 9.24 -11.73
CA ILE A 132 -7.81 8.99 -10.71
C ILE A 132 -7.57 7.68 -9.95
N PRO A 133 -7.34 6.53 -10.60
CA PRO A 133 -7.13 5.29 -9.81
C PRO A 133 -5.96 5.36 -8.85
N ALA A 134 -4.85 5.99 -9.26
CA ALA A 134 -3.70 6.10 -8.37
C ALA A 134 -4.02 6.94 -7.13
N LEU A 135 -4.69 8.07 -7.32
CA LEU A 135 -5.06 8.92 -6.19
C LEU A 135 -6.00 8.20 -5.25
N MET A 136 -6.99 7.49 -5.80
CA MET A 136 -7.92 6.74 -4.96
C MET A 136 -7.17 5.65 -4.19
N GLY A 137 -6.25 4.94 -4.84
CA GLY A 137 -5.50 3.90 -4.17
C GLY A 137 -4.64 4.41 -3.04
N GLU A 138 -4.04 5.59 -3.21
CA GLU A 138 -3.25 6.16 -2.11
C GLU A 138 -4.14 6.61 -0.95
N MET A 139 -5.22 7.36 -1.27
CA MET A 139 -6.06 7.92 -0.21
C MET A 139 -6.78 6.84 0.60
N PHE A 140 -7.33 5.83 -0.06
CA PHE A 140 -8.09 4.83 0.68
C PHE A 140 -7.18 3.97 1.55
N TRP A 141 -5.97 3.66 1.06
CA TRP A 141 -4.99 2.94 1.86
C TRP A 141 -4.59 3.74 3.09
N ALA A 142 -4.32 5.04 2.92
CA ALA A 142 -3.94 5.87 4.05
C ALA A 142 -5.07 5.96 5.08
N ALA A 143 -6.31 6.15 4.62
CA ALA A 143 -7.44 6.24 5.53
C ALA A 143 -7.64 4.93 6.30
N ALA A 144 -7.53 3.79 5.61
CA ALA A 144 -7.71 2.51 6.27
C ALA A 144 -6.65 2.29 7.34
N ILE A 145 -5.39 2.59 7.03
CA ILE A 145 -4.35 2.35 8.05
C ILE A 145 -4.48 3.35 9.20
N PHE A 146 -4.96 4.57 8.95
CA PHE A 146 -5.22 5.49 10.06
C PHE A 146 -6.33 4.96 10.97
N SER A 147 -7.36 4.38 10.35
CA SER A 147 -8.45 3.77 11.15
C SER A 147 -7.89 2.63 12.01
N ALA A 148 -7.02 1.79 11.41
CA ALA A 148 -6.43 0.67 12.15
C ALA A 148 -5.58 1.16 13.32
N LEU A 149 -4.81 2.23 13.11
CA LEU A 149 -4.00 2.78 14.19
C LEU A 149 -4.90 3.31 15.31
N GLY A 150 -5.99 3.98 14.95
CA GLY A 150 -6.92 4.45 15.97
C GLY A 150 -7.49 3.31 16.79
N ALA A 151 -7.89 2.22 16.14
CA ALA A 151 -8.42 1.06 16.84
C ALA A 151 -7.36 0.45 17.77
N THR A 152 -6.12 0.34 17.28
CA THR A 152 -5.05 -0.20 18.11
C THR A 152 -4.80 0.64 19.35
N ILE A 153 -4.76 1.97 19.18
CA ILE A 153 -4.55 2.86 20.32
C ILE A 153 -5.70 2.74 21.31
N SER A 154 -6.93 2.63 20.79
CA SER A 154 -8.10 2.51 21.65
C SER A 154 -8.09 1.19 22.43
N VAL A 155 -7.55 0.13 21.83
CA VAL A 155 -7.45 -1.14 22.53
C VAL A 155 -6.39 -1.08 23.62
N ILE A 156 -5.21 -0.54 23.30
CA ILE A 156 -4.11 -0.60 24.26
C ILE A 156 -4.31 0.37 25.41
N ILE A 157 -4.71 1.61 25.11
CA ILE A 157 -4.93 2.62 26.14
C ILE A 157 -6.30 3.26 25.95
N ASP A 158 -6.76 3.94 26.99
CA ASP A 158 -8.10 4.51 27.03
C ASP A 158 -8.16 5.93 26.45
N VAL A 159 -7.12 6.38 25.75
CA VAL A 159 -7.14 7.70 25.14
C VAL A 159 -8.14 7.71 23.99
N ASP A 160 -8.87 8.82 23.86
CA ASP A 160 -9.86 8.96 22.80
C ASP A 160 -9.22 8.79 21.43
N MET A 161 -9.93 8.09 20.55
CA MET A 161 -9.34 7.71 19.25
C MET A 161 -9.21 8.92 18.33
N HIS A 162 -10.19 9.83 18.35
CA HIS A 162 -10.17 10.96 17.41
C HIS A 162 -8.93 11.83 17.63
N ILE A 163 -8.63 12.14 18.88
CA ILE A 163 -7.48 12.99 19.19
C ILE A 163 -6.20 12.32 18.74
N SER A 164 -6.06 11.02 18.99
CA SER A 164 -4.85 10.30 18.62
C SER A 164 -4.65 10.28 17.11
N VAL A 165 -5.72 9.99 16.36
CA VAL A 165 -5.60 9.94 14.91
C VAL A 165 -5.27 11.32 14.34
N ILE A 166 -5.93 12.36 14.86
CA ILE A 166 -5.66 13.72 14.39
C ILE A 166 -4.22 14.10 14.66
N ILE A 167 -3.72 13.79 15.86
CA ILE A 167 -2.34 14.16 16.22
C ILE A 167 -1.33 13.42 15.34
N SER A 168 -1.55 12.11 15.12
CA SER A 168 -0.62 11.35 14.30
C SER A 168 -0.58 11.87 12.87
N ALA A 169 -1.76 12.12 12.29
CA ALA A 169 -1.81 12.64 10.93
C ALA A 169 -1.17 14.01 10.83
N LEU A 170 -1.40 14.86 11.82
CA LEU A 170 -0.80 16.19 11.84
C LEU A 170 0.72 16.11 11.90
N ILE A 171 1.24 15.23 12.76
CA ILE A 171 2.69 15.09 12.88
C ILE A 171 3.30 14.64 11.56
N ALA A 172 2.68 13.66 10.90
CA ALA A 172 3.23 13.20 9.62
C ALA A 172 3.17 14.30 8.57
N THR A 173 2.00 14.94 8.43
CA THR A 173 1.82 15.96 7.39
C THR A 173 2.73 17.15 7.60
N LEU A 174 3.03 17.49 8.86
CA LEU A 174 3.88 18.65 9.12
C LEU A 174 5.26 18.50 8.50
N TYR A 175 5.95 17.39 8.80
CA TYR A 175 7.29 17.26 8.24
C TYR A 175 7.25 16.91 6.76
N THR A 176 6.21 16.21 6.28
CA THR A 176 6.11 15.99 4.85
C THR A 176 5.93 17.31 4.10
N LEU A 177 5.24 18.28 4.70
CA LEU A 177 5.08 19.59 4.08
C LEU A 177 6.36 20.41 4.16
N VAL A 178 7.04 20.39 5.31
CA VAL A 178 8.24 21.19 5.46
C VAL A 178 9.34 20.71 4.53
N GLY A 179 9.59 19.40 4.51
CA GLY A 179 10.53 18.82 3.57
C GLY A 179 9.91 17.63 2.88
N GLY A 180 10.36 17.38 1.66
CA GLY A 180 9.73 16.36 0.85
C GLY A 180 10.36 14.99 0.96
N LEU A 181 10.96 14.54 -0.15
CA LEU A 181 11.48 13.18 -0.23
C LEU A 181 12.60 12.94 0.77
N TYR A 182 13.48 13.93 0.95
CA TYR A 182 14.60 13.75 1.86
C TYR A 182 14.13 13.55 3.30
N SER A 183 13.16 14.37 3.73
CA SER A 183 12.61 14.21 5.08
C SER A 183 11.88 12.88 5.23
N VAL A 184 11.13 12.48 4.21
CA VAL A 184 10.39 11.22 4.28
C VAL A 184 11.37 10.05 4.43
N ALA A 185 12.43 10.03 3.62
CA ALA A 185 13.40 8.95 3.68
C ALA A 185 14.16 8.94 5.01
N TYR A 186 14.58 10.12 5.48
CA TYR A 186 15.38 10.16 6.70
C TYR A 186 14.55 9.79 7.92
N THR A 187 13.24 10.06 7.90
CA THR A 187 12.39 9.57 8.98
C THR A 187 12.14 8.07 8.85
N ASP A 188 11.99 7.57 7.62
CA ASP A 188 11.79 6.14 7.41
C ASP A 188 12.95 5.33 7.94
N VAL A 189 14.18 5.85 7.84
CA VAL A 189 15.33 5.11 8.33
C VAL A 189 15.19 4.83 9.82
N VAL A 190 14.80 5.84 10.61
CA VAL A 190 14.64 5.65 12.05
C VAL A 190 13.41 4.79 12.35
N GLN A 191 12.33 5.00 11.61
CA GLN A 191 11.08 4.31 11.92
C GLN A 191 11.19 2.81 11.63
N LEU A 192 11.96 2.41 10.63
CA LEU A 192 12.17 0.98 10.39
C LEU A 192 12.86 0.31 11.57
N PHE A 193 13.88 0.96 12.12
CA PHE A 193 14.57 0.43 13.29
C PHE A 193 13.62 0.33 14.48
N CYS A 194 12.75 1.35 14.65
CA CYS A 194 11.77 1.28 15.72
C CYS A 194 10.81 0.10 15.54
N ILE A 195 10.34 -0.11 14.31
CA ILE A 195 9.45 -1.25 14.03
C ILE A 195 10.15 -2.56 14.38
N PHE A 196 11.38 -2.72 13.90
CA PHE A 196 12.11 -3.97 14.13
C PHE A 196 12.27 -4.25 15.61
N VAL A 197 12.79 -3.28 16.37
CA VAL A 197 13.06 -3.52 17.78
C VAL A 197 11.76 -3.77 18.54
N GLY A 198 10.75 -2.94 18.30
CA GLY A 198 9.50 -3.08 19.04
C GLY A 198 8.80 -4.39 18.78
N LEU A 199 8.81 -4.85 17.52
CA LEU A 199 8.16 -6.12 17.22
C LEU A 199 8.95 -7.30 17.77
N TRP A 200 10.28 -7.28 17.63
CA TRP A 200 11.06 -8.44 18.04
C TRP A 200 11.24 -8.55 19.54
N ILE A 201 11.07 -7.47 20.30
CA ILE A 201 11.27 -7.56 21.74
C ILE A 201 10.12 -8.26 22.45
N SER A 202 8.94 -8.34 21.83
CA SER A 202 7.73 -8.76 22.51
C SER A 202 7.48 -10.27 22.46
N VAL A 203 8.00 -10.96 21.44
CA VAL A 203 7.66 -12.37 21.27
C VAL A 203 8.13 -13.26 22.42
N PRO A 204 9.37 -13.16 22.91
CA PRO A 204 9.77 -14.01 24.04
C PRO A 204 8.95 -13.80 25.29
N PHE A 205 8.45 -12.58 25.53
CA PHE A 205 7.63 -12.33 26.70
C PHE A 205 6.26 -13.01 26.58
N ALA A 206 5.67 -13.00 25.39
CA ALA A 206 4.38 -13.65 25.19
C ALA A 206 4.49 -15.17 25.15
N LEU A 207 5.63 -15.69 24.69
CA LEU A 207 5.80 -17.14 24.60
C LEU A 207 5.87 -17.81 25.97
N SER A 208 6.18 -17.05 27.02
CA SER A 208 6.41 -17.62 28.34
C SER A 208 5.22 -17.49 29.28
N HIS A 209 4.08 -17.02 28.79
CA HIS A 209 2.90 -16.89 29.64
C HIS A 209 2.38 -18.28 30.02
N PRO A 210 1.90 -18.45 31.26
CA PRO A 210 1.39 -19.77 31.66
C PRO A 210 0.20 -20.25 30.84
N ALA A 211 -0.58 -19.34 30.26
CA ALA A 211 -1.77 -19.73 29.51
C ALA A 211 -1.46 -20.21 28.10
N VAL A 212 -0.24 -20.05 27.63
CA VAL A 212 0.13 -20.42 26.27
C VAL A 212 0.75 -21.81 26.27
N ALA A 213 0.34 -22.63 25.31
CA ALA A 213 0.84 -23.99 25.17
C ALA A 213 1.96 -24.02 24.13
N ASP A 214 2.49 -25.21 23.88
CA ASP A 214 3.54 -25.38 22.88
C ASP A 214 2.99 -25.07 21.50
N ILE A 215 3.72 -24.25 20.74
CA ILE A 215 3.26 -23.90 19.40
C ILE A 215 3.71 -24.93 18.36
N GLY A 216 4.70 -25.76 18.68
CA GLY A 216 5.01 -26.90 17.82
C GLY A 216 3.92 -27.95 17.84
N PHE A 217 3.36 -28.22 19.02
CA PHE A 217 2.27 -29.17 19.14
C PHE A 217 1.00 -28.65 18.48
N THR A 218 0.67 -27.38 18.72
CA THR A 218 -0.55 -26.79 18.20
C THR A 218 -0.55 -26.66 16.69
N ALA A 219 0.60 -26.47 16.06
CA ALA A 219 0.68 -26.32 14.61
C ALA A 219 0.21 -27.56 13.87
N VAL A 220 0.25 -28.72 14.52
CA VAL A 220 -0.10 -29.99 13.88
C VAL A 220 -1.32 -30.64 14.51
N HIS A 221 -1.56 -30.45 15.81
CA HIS A 221 -2.67 -31.08 16.50
C HIS A 221 -3.58 -30.02 17.10
N ALA A 222 -4.85 -30.36 17.22
CA ALA A 222 -5.87 -29.43 17.73
C ALA A 222 -5.96 -29.54 19.25
N LYS A 223 -5.81 -28.41 19.93
CA LYS A 223 -5.92 -28.37 21.39
C LYS A 223 -7.13 -27.54 21.82
N TYR A 224 -7.17 -26.28 21.39
CA TYR A 224 -8.30 -25.41 21.64
C TYR A 224 -9.07 -25.04 20.38
N GLN A 225 -8.50 -25.26 19.21
CA GLN A 225 -9.12 -24.91 17.94
C GLN A 225 -8.35 -25.63 16.84
N LYS A 226 -8.73 -25.33 15.60
CA LYS A 226 -8.10 -25.96 14.44
C LYS A 226 -6.62 -25.55 14.37
N PRO A 227 -5.72 -26.46 13.97
CA PRO A 227 -4.30 -26.11 13.88
C PRO A 227 -4.03 -24.93 12.95
N TRP A 228 -3.03 -24.11 13.31
CA TRP A 228 -2.82 -22.83 12.64
C TRP A 228 -1.97 -22.92 11.38
N LEU A 229 -1.51 -24.12 11.01
CA LEU A 229 -0.81 -24.26 9.72
C LEU A 229 -1.77 -24.09 8.55
N GLY A 230 -3.02 -24.53 8.71
CA GLY A 230 -4.02 -24.37 7.67
C GLY A 230 -3.88 -25.40 6.56
N THR A 231 -4.79 -25.29 5.59
CA THR A 231 -4.78 -26.15 4.44
C THR A 231 -5.58 -25.47 3.32
N VAL A 232 -5.30 -25.89 2.09
CA VAL A 232 -5.99 -25.38 0.92
C VAL A 232 -6.75 -26.54 0.27
N ASP A 233 -8.07 -26.42 0.20
CA ASP A 233 -8.89 -27.47 -0.39
C ASP A 233 -8.72 -27.49 -1.90
N SER A 234 -9.05 -28.64 -2.49
CA SER A 234 -8.95 -28.79 -3.94
C SER A 234 -9.92 -27.88 -4.69
N SER A 235 -10.98 -27.42 -4.04
CA SER A 235 -11.94 -26.53 -4.66
C SER A 235 -11.63 -25.06 -4.45
N GLU A 236 -10.54 -24.74 -3.76
CA GLU A 236 -10.16 -23.36 -3.50
C GLU A 236 -8.79 -23.02 -4.09
N VAL A 237 -8.32 -23.79 -5.07
CA VAL A 237 -7.04 -23.52 -5.68
C VAL A 237 -7.09 -22.25 -6.52
N TYR A 238 -8.16 -22.08 -7.29
CA TYR A 238 -8.24 -20.95 -8.23
C TYR A 238 -8.42 -19.63 -7.48
N SER A 239 -9.19 -19.62 -6.40
CA SER A 239 -9.30 -18.40 -5.60
C SER A 239 -7.97 -18.02 -4.97
N TRP A 240 -7.24 -19.02 -4.47
CA TRP A 240 -5.91 -18.77 -3.93
C TRP A 240 -4.98 -18.17 -4.98
N LEU A 241 -5.00 -18.74 -6.19
CA LEU A 241 -4.15 -18.22 -7.26
C LEU A 241 -4.56 -16.81 -7.66
N ASP A 242 -5.87 -16.54 -7.68
CA ASP A 242 -6.36 -15.21 -8.04
C ASP A 242 -5.88 -14.16 -7.03
N SER A 243 -6.00 -14.47 -5.73
CA SER A 243 -5.54 -13.54 -4.71
C SER A 243 -4.02 -13.34 -4.78
N PHE A 244 -3.28 -14.44 -4.98
CA PHE A 244 -1.83 -14.34 -5.04
C PHE A 244 -1.38 -13.52 -6.24
N LEU A 245 -2.02 -13.71 -7.39
CA LEU A 245 -1.68 -12.93 -8.57
C LEU A 245 -2.00 -11.46 -8.37
N LEU A 246 -3.11 -11.18 -7.66
CA LEU A 246 -3.47 -9.78 -7.34
C LEU A 246 -2.34 -9.15 -6.53
N LEU A 247 -1.87 -9.84 -5.48
CA LEU A 247 -0.82 -9.30 -4.62
C LEU A 247 0.52 -9.17 -5.35
N MET A 248 0.82 -10.12 -6.26
CA MET A 248 2.15 -10.16 -6.85
C MET A 248 2.27 -9.19 -8.03
N LEU A 249 1.25 -9.09 -8.88
CA LEU A 249 1.35 -8.24 -10.05
C LEU A 249 0.74 -6.86 -9.86
N GLY A 250 -0.18 -6.69 -8.90
CA GLY A 250 -0.75 -5.39 -8.66
C GLY A 250 0.05 -4.48 -7.75
N GLY A 251 1.18 -4.95 -7.24
CA GLY A 251 2.02 -4.13 -6.37
C GLY A 251 3.10 -3.34 -7.07
N ILE A 252 3.30 -3.57 -8.36
CA ILE A 252 4.34 -2.88 -9.12
C ILE A 252 3.89 -1.47 -9.52
N PRO A 253 2.73 -1.28 -10.19
CA PRO A 253 2.46 0.07 -10.74
C PRO A 253 1.97 1.06 -9.69
N TRP A 254 2.85 1.42 -8.77
CA TRP A 254 2.55 2.38 -7.72
C TRP A 254 3.61 3.47 -7.72
N GLN A 255 3.18 4.71 -7.54
CA GLN A 255 4.11 5.83 -7.47
C GLN A 255 4.93 5.81 -6.18
N ALA A 256 4.44 5.15 -5.13
CA ALA A 256 5.22 4.99 -3.91
C ALA A 256 6.46 4.15 -4.12
N TYR A 257 6.50 3.34 -5.17
CA TYR A 257 7.67 2.54 -5.54
C TYR A 257 8.58 3.29 -6.52
N PHE A 258 7.99 3.89 -7.56
CA PHE A 258 8.79 4.62 -8.53
C PHE A 258 9.36 5.91 -7.96
N GLN A 259 8.82 6.42 -6.86
CA GLN A 259 9.44 7.55 -6.18
C GLN A 259 10.82 7.19 -5.65
N ARG A 260 10.94 5.97 -5.12
CA ARG A 260 12.26 5.49 -4.64
C ARG A 260 13.11 5.09 -5.85
N VAL A 261 12.49 4.51 -6.88
CA VAL A 261 13.26 4.06 -8.04
C VAL A 261 13.91 5.22 -8.76
N LEU A 262 13.17 6.31 -8.99
CA LEU A 262 13.64 7.41 -9.81
C LEU A 262 14.56 8.37 -9.07
N SER A 263 14.73 8.22 -7.77
CA SER A 263 15.60 9.09 -6.99
C SER A 263 16.99 8.51 -6.78
N SER A 264 17.23 7.33 -7.33
CA SER A 264 18.52 6.63 -7.11
C SER A 264 19.64 7.24 -7.96
N SER A 265 20.89 6.98 -7.62
CA SER A 265 22.01 7.51 -8.39
C SER A 265 22.10 6.82 -9.75
N SER A 266 21.80 5.53 -9.80
CA SER A 266 21.91 4.79 -11.05
C SER A 266 20.78 3.77 -11.13
N ALA A 267 20.69 3.10 -12.28
CA ALA A 267 19.67 2.07 -12.47
C ALA A 267 20.04 0.79 -11.72
N THR A 268 21.31 0.42 -11.72
CA THR A 268 21.74 -0.77 -10.99
C THR A 268 21.48 -0.61 -9.50
N TYR A 269 21.64 0.60 -8.98
CA TYR A 269 21.32 0.85 -7.57
C TYR A 269 19.83 0.67 -7.31
N ALA A 270 18.98 1.06 -8.27
CA ALA A 270 17.55 0.82 -8.13
C ALA A 270 17.25 -0.68 -8.08
N GLN A 271 17.89 -1.45 -8.96
CA GLN A 271 17.73 -2.90 -8.94
C GLN A 271 18.11 -3.49 -7.58
N VAL A 272 19.29 -3.10 -7.07
CA VAL A 272 19.78 -3.68 -5.82
C VAL A 272 18.90 -3.24 -4.66
N LEU A 273 18.39 -2.01 -4.68
CA LEU A 273 17.52 -1.56 -3.60
C LEU A 273 16.20 -2.32 -3.61
N SER A 274 15.68 -2.65 -4.79
CA SER A 274 14.48 -3.49 -4.84
C SER A 274 14.73 -4.86 -4.24
N PHE A 275 15.88 -5.48 -4.56
CA PHE A 275 16.20 -6.78 -3.98
C PHE A 275 16.33 -6.69 -2.46
N LEU A 276 17.00 -5.65 -1.95
CA LEU A 276 17.15 -5.49 -0.51
C LEU A 276 15.80 -5.27 0.17
N ALA A 277 14.90 -4.53 -0.48
CA ALA A 277 13.57 -4.31 0.07
C ALA A 277 12.79 -5.61 0.16
N ALA A 278 12.91 -6.47 -0.86
CA ALA A 278 12.26 -7.78 -0.79
C ALA A 278 12.77 -8.59 0.39
N PHE A 279 14.09 -8.62 0.58
CA PHE A 279 14.64 -9.34 1.73
C PHE A 279 14.16 -8.74 3.04
N GLY A 280 14.07 -7.41 3.12
CA GLY A 280 13.62 -6.77 4.34
C GLY A 280 12.17 -7.09 4.69
N CYS A 281 11.30 -7.13 3.67
CA CYS A 281 9.91 -7.51 3.91
C CYS A 281 9.83 -8.95 4.40
N LEU A 282 10.60 -9.86 3.79
CA LEU A 282 10.62 -11.24 4.26
C LEU A 282 11.07 -11.31 5.72
N VAL A 283 12.09 -10.53 6.08
CA VAL A 283 12.57 -10.54 7.47
C VAL A 283 11.50 -10.02 8.42
N MET A 284 10.82 -8.94 8.03
CA MET A 284 9.81 -8.34 8.91
C MET A 284 8.58 -9.20 9.10
N ALA A 285 8.29 -10.11 8.16
CA ALA A 285 7.05 -10.88 8.24
C ALA A 285 6.99 -11.89 9.38
N ILE A 286 8.11 -12.21 10.03
CA ILE A 286 8.18 -13.36 10.94
C ILE A 286 7.50 -13.12 12.30
N PRO A 287 7.79 -12.03 13.02
CA PRO A 287 7.17 -11.85 14.33
C PRO A 287 5.65 -11.78 14.28
N ALA A 288 5.06 -11.25 13.20
CA ALA A 288 3.61 -11.25 13.08
C ALA A 288 3.06 -12.67 13.04
N ILE A 289 3.70 -13.55 12.28
CA ILE A 289 3.29 -14.96 12.23
C ILE A 289 3.42 -15.60 13.61
N LEU A 290 4.51 -15.32 14.31
CA LEU A 290 4.69 -15.89 15.65
C LEU A 290 3.61 -15.41 16.60
N ILE A 291 3.25 -14.12 16.54
CA ILE A 291 2.20 -13.58 17.41
C ILE A 291 0.86 -14.21 17.08
N GLY A 292 0.55 -14.39 15.79
CA GLY A 292 -0.68 -15.06 15.42
C GLY A 292 -0.76 -16.48 15.93
N ALA A 293 0.34 -17.23 15.81
CA ALA A 293 0.36 -18.59 16.34
C ALA A 293 0.19 -18.61 17.86
N ILE A 294 0.84 -17.68 18.56
CA ILE A 294 0.68 -17.60 20.01
C ILE A 294 -0.78 -17.33 20.38
N GLY A 295 -1.42 -16.41 19.65
CA GLY A 295 -2.82 -16.12 19.91
C GLY A 295 -3.72 -17.32 19.65
N ALA A 296 -3.42 -18.09 18.59
CA ALA A 296 -4.21 -19.27 18.28
C ALA A 296 -3.96 -20.41 19.26
N SER A 297 -2.85 -20.40 19.98
CA SER A 297 -2.48 -21.49 20.88
C SER A 297 -2.64 -21.12 22.35
N THR A 298 -3.64 -20.31 22.70
CA THR A 298 -3.77 -19.75 24.03
C THR A 298 -5.09 -20.16 24.67
N ASP A 299 -5.04 -20.47 25.96
CA ASP A 299 -6.23 -20.74 26.77
C ASP A 299 -6.73 -19.42 27.32
N TRP A 300 -7.66 -18.79 26.60
CA TRP A 300 -8.09 -17.43 26.92
C TRP A 300 -8.88 -17.36 28.22
N ASN A 301 -9.32 -18.48 28.76
CA ASN A 301 -10.03 -18.47 30.04
C ASN A 301 -9.09 -18.21 31.22
N GLN A 302 -7.79 -18.46 31.05
CA GLN A 302 -6.82 -18.27 32.12
C GLN A 302 -6.24 -16.87 32.16
N THR A 303 -6.60 -15.99 31.23
CA THR A 303 -6.12 -14.64 31.19
C THR A 303 -7.17 -13.68 31.74
N ALA A 304 -6.88 -12.38 31.66
CA ALA A 304 -7.82 -11.36 32.10
C ALA A 304 -8.89 -11.06 31.03
N TYR A 305 -8.67 -11.49 29.79
CA TYR A 305 -9.69 -11.28 28.76
C TYR A 305 -10.95 -12.07 29.07
N GLY A 306 -10.81 -13.32 29.51
CA GLY A 306 -11.95 -14.14 29.88
C GLY A 306 -12.70 -14.66 28.68
N LEU A 307 -13.58 -15.62 28.95
CA LEU A 307 -14.44 -16.17 27.92
C LEU A 307 -15.60 -15.21 27.63
N PRO A 308 -16.08 -15.16 26.38
CA PRO A 308 -15.66 -15.94 25.20
C PRO A 308 -14.37 -15.48 24.55
N ASP A 309 -13.92 -16.20 23.53
CA ASP A 309 -12.67 -15.92 22.84
C ASP A 309 -12.77 -14.62 22.05
N PRO A 310 -11.63 -14.01 21.71
CA PRO A 310 -11.66 -12.82 20.85
C PRO A 310 -12.32 -13.06 19.50
N LYS A 311 -12.24 -14.28 18.94
CA LYS A 311 -12.91 -14.54 17.68
C LYS A 311 -14.42 -14.66 17.85
N THR A 312 -14.87 -15.16 19.00
CA THR A 312 -16.31 -15.21 19.27
C THR A 312 -16.88 -13.82 19.48
N THR A 313 -16.12 -12.94 20.10
CA THR A 313 -16.52 -11.56 20.37
C THR A 313 -16.45 -10.68 19.10
N GLU A 314 -16.18 -11.28 17.95
CA GLU A 314 -16.02 -10.56 16.68
C GLU A 314 -14.91 -9.51 16.79
N GLU A 315 -13.78 -9.91 17.38
CA GLU A 315 -12.64 -9.03 17.59
C GLU A 315 -11.36 -9.65 17.07
N ALA A 316 -11.44 -10.42 15.98
CA ALA A 316 -10.29 -11.14 15.47
C ALA A 316 -9.29 -10.24 14.76
N ASP A 317 -9.71 -9.06 14.32
CA ASP A 317 -8.79 -8.12 13.65
C ASP A 317 -7.83 -7.45 14.62
N MET A 318 -8.12 -7.53 15.92
CA MET A 318 -7.31 -6.89 16.94
C MET A 318 -6.57 -7.92 17.79
N ILE A 319 -6.17 -9.05 17.21
CA ILE A 319 -5.53 -10.11 17.98
C ILE A 319 -4.14 -9.69 18.43
N LEU A 320 -3.40 -8.98 17.57
CA LEU A 320 -2.06 -8.52 17.96
C LEU A 320 -2.11 -7.52 19.13
N PRO A 321 -2.92 -6.46 19.10
CA PRO A 321 -3.02 -5.62 20.30
C PRO A 321 -3.53 -6.36 21.52
N ILE A 322 -4.46 -7.30 21.35
CA ILE A 322 -4.96 -8.07 22.48
C ILE A 322 -3.86 -8.92 23.08
N VAL A 323 -3.06 -9.57 22.24
CA VAL A 323 -1.94 -10.37 22.73
C VAL A 323 -0.95 -9.50 23.48
N LEU A 324 -0.61 -8.35 22.91
CA LEU A 324 0.33 -7.45 23.57
C LEU A 324 -0.20 -6.96 24.91
N GLN A 325 -1.50 -6.66 24.98
CA GLN A 325 -2.07 -6.09 26.19
C GLN A 325 -2.25 -7.13 27.29
N TYR A 326 -2.63 -8.36 26.94
CA TYR A 326 -3.03 -9.34 27.92
C TYR A 326 -2.01 -10.45 28.18
N LEU A 327 -0.96 -10.56 27.37
CA LEU A 327 0.04 -11.60 27.58
C LEU A 327 1.44 -11.05 27.80
N CYS A 328 1.61 -9.74 27.90
CA CYS A 328 2.89 -9.08 28.02
C CYS A 328 2.82 -8.04 29.13
N PRO A 329 3.97 -7.66 29.70
CA PRO A 329 3.98 -6.55 30.67
C PRO A 329 3.62 -5.22 30.03
N VAL A 330 3.56 -4.16 30.84
CA VAL A 330 3.08 -2.87 30.35
C VAL A 330 4.09 -2.23 29.39
N TYR A 331 5.38 -2.27 29.73
CA TYR A 331 6.37 -1.60 28.89
C TYR A 331 6.54 -2.29 27.54
N ILE A 332 6.40 -3.62 27.50
CA ILE A 332 6.41 -4.31 26.21
C ILE A 332 5.19 -3.92 25.39
N SER A 333 4.05 -3.71 26.06
CA SER A 333 2.87 -3.22 25.35
C SER A 333 3.12 -1.86 24.73
N PHE A 334 3.79 -0.96 25.46
CA PHE A 334 4.08 0.36 24.92
C PHE A 334 5.10 0.27 23.78
N PHE A 335 6.06 -0.65 23.87
CA PHE A 335 6.99 -0.88 22.77
C PHE A 335 6.24 -1.32 21.51
N GLY A 336 5.30 -2.25 21.66
CA GLY A 336 4.50 -2.69 20.52
C GLY A 336 3.64 -1.57 19.95
N LEU A 337 3.08 -0.73 20.82
CA LEU A 337 2.30 0.41 20.36
C LEU A 337 3.17 1.37 19.54
N GLY A 338 4.39 1.65 20.01
CA GLY A 338 5.29 2.48 19.24
C GLY A 338 5.65 1.87 17.91
N ALA A 339 5.86 0.56 17.88
CA ALA A 339 6.15 -0.13 16.62
C ALA A 339 5.01 0.04 15.62
N VAL A 340 3.77 -0.14 16.08
CA VAL A 340 2.61 -0.01 15.19
C VAL A 340 2.48 1.43 14.70
N SER A 341 2.70 2.40 15.59
CA SER A 341 2.61 3.81 15.18
C SER A 341 3.65 4.14 14.11
N ALA A 342 4.89 3.68 14.30
CA ALA A 342 5.93 3.93 13.31
C ALA A 342 5.60 3.26 11.99
N ALA A 343 5.08 2.03 12.04
CA ALA A 343 4.70 1.34 10.82
C ALA A 343 3.62 2.09 10.06
N VAL A 344 2.64 2.64 10.77
CA VAL A 344 1.56 3.36 10.10
C VAL A 344 2.09 4.65 9.47
N MET A 345 2.90 5.40 10.21
CA MET A 345 3.36 6.69 9.72
C MET A 345 4.30 6.54 8.52
N SER A 346 5.20 5.57 8.54
CA SER A 346 6.13 5.33 7.44
C SER A 346 5.46 5.03 6.10
N SER A 347 4.19 4.62 6.12
CA SER A 347 3.43 4.44 4.89
C SER A 347 2.52 5.61 4.58
N ALA A 348 1.94 6.22 5.61
CA ALA A 348 1.04 7.36 5.38
C ALA A 348 1.79 8.54 4.77
N ASP A 349 3.00 8.84 5.27
CA ASP A 349 3.72 9.98 4.72
C ASP A 349 4.09 9.75 3.26
N SER A 350 4.50 8.52 2.92
CA SER A 350 4.84 8.19 1.54
C SER A 350 3.63 8.31 0.62
N SER A 351 2.47 7.83 1.11
CA SER A 351 1.22 7.91 0.31
C SER A 351 0.88 9.38 0.02
N ILE A 352 0.94 10.24 1.04
CA ILE A 352 0.59 11.65 0.86
C ILE A 352 1.56 12.33 -0.08
N LEU A 353 2.86 12.10 0.11
CA LEU A 353 3.87 12.70 -0.76
C LEU A 353 3.70 12.25 -2.20
N SER A 354 3.41 10.96 -2.42
CA SER A 354 3.24 10.45 -3.76
C SER A 354 2.05 11.10 -4.47
N ALA A 355 0.91 11.17 -3.78
CA ALA A 355 -0.26 11.77 -4.40
C ALA A 355 -0.03 13.25 -4.71
N SER A 356 0.55 13.99 -3.76
CA SER A 356 0.81 15.41 -4.00
C SER A 356 1.78 15.63 -5.14
N SER A 357 2.84 14.81 -5.22
CA SER A 357 3.80 14.92 -6.30
C SER A 357 3.13 14.69 -7.65
N MET A 358 2.36 13.59 -7.76
CA MET A 358 1.67 13.31 -9.02
C MET A 358 0.80 14.49 -9.42
N PHE A 359 -0.06 14.95 -8.52
CA PHE A 359 -0.97 16.05 -8.85
C PHE A 359 -0.19 17.28 -9.31
N ALA A 360 0.66 17.82 -8.43
CA ALA A 360 1.31 19.09 -8.71
C ALA A 360 2.18 19.03 -9.95
N ARG A 361 2.90 17.92 -10.16
CA ARG A 361 3.79 17.85 -11.30
C ARG A 361 3.03 17.66 -12.61
N ASN A 362 2.03 16.78 -12.63
CA ASN A 362 1.46 16.36 -13.90
C ASN A 362 0.16 17.03 -14.28
N ILE A 363 -0.70 17.40 -13.33
CA ILE A 363 -1.98 17.98 -13.71
C ILE A 363 -1.83 19.50 -13.80
N TYR A 364 -1.56 20.14 -12.68
CA TYR A 364 -1.58 21.61 -12.63
C TYR A 364 -0.57 22.20 -13.60
N GLN A 365 0.72 21.97 -13.38
CA GLN A 365 1.77 22.62 -14.17
C GLN A 365 1.74 22.17 -15.62
N LEU A 366 1.49 20.90 -15.90
CA LEU A 366 1.62 20.35 -17.24
C LEU A 366 0.32 20.35 -18.04
N SER A 367 -0.79 20.81 -17.47
CA SER A 367 -2.02 20.86 -18.26
C SER A 367 -2.72 22.20 -18.17
N PHE A 368 -2.57 22.91 -17.05
CA PHE A 368 -3.31 24.16 -16.83
C PHE A 368 -2.42 25.39 -16.87
N ARG A 369 -1.36 25.43 -16.07
CA ARG A 369 -0.48 26.59 -15.98
C ARG A 369 0.91 26.18 -16.45
N GLN A 370 1.15 26.28 -17.77
CA GLN A 370 2.46 25.83 -18.33
C GLN A 370 3.46 26.99 -18.36
N ASN A 371 3.06 28.18 -17.94
CA ASN A 371 3.98 29.32 -17.87
C ASN A 371 4.23 29.77 -16.44
N ALA A 372 3.81 29.00 -15.44
CA ALA A 372 3.98 29.39 -14.06
C ALA A 372 5.44 29.24 -13.62
N SER A 373 5.84 30.08 -12.68
CA SER A 373 7.16 30.02 -12.10
C SER A 373 7.26 28.86 -11.12
N ASP A 374 8.48 28.54 -10.69
CA ASP A 374 8.65 27.44 -9.75
C ASP A 374 8.13 27.78 -8.37
N LYS A 375 8.16 29.05 -8.00
CA LYS A 375 7.61 29.44 -6.70
C LYS A 375 6.13 29.06 -6.60
N GLU A 376 5.38 29.29 -7.68
CA GLU A 376 3.97 28.89 -7.70
C GLU A 376 3.83 27.40 -7.54
N ILE A 377 4.69 26.61 -8.21
CA ILE A 377 4.60 25.16 -8.12
C ILE A 377 4.94 24.68 -6.70
N VAL A 378 5.91 25.32 -6.05
CA VAL A 378 6.26 24.95 -4.68
C VAL A 378 5.09 25.22 -3.75
N TRP A 379 4.46 26.39 -3.88
CA TRP A 379 3.32 26.71 -3.05
C TRP A 379 2.14 25.76 -3.30
N VAL A 380 1.92 25.40 -4.57
CA VAL A 380 0.87 24.45 -4.91
C VAL A 380 1.16 23.10 -4.29
N MET A 381 2.43 22.67 -4.31
CA MET A 381 2.79 21.40 -3.70
C MET A 381 2.48 21.39 -2.20
N ARG A 382 2.86 22.48 -1.50
CA ARG A 382 2.61 22.52 -0.06
C ARG A 382 1.12 22.53 0.26
N ILE A 383 0.34 23.33 -0.48
CA ILE A 383 -1.10 23.40 -0.23
C ILE A 383 -1.74 22.04 -0.52
N THR A 384 -1.31 21.37 -1.59
CA THR A 384 -1.83 20.05 -1.92
C THR A 384 -1.51 19.04 -0.83
N VAL A 385 -0.29 19.09 -0.28
CA VAL A 385 0.08 18.18 0.81
C VAL A 385 -0.87 18.37 1.99
N PHE A 386 -1.09 19.62 2.38
CA PHE A 386 -1.97 19.88 3.52
C PHE A 386 -3.39 19.39 3.25
N VAL A 387 -3.91 19.68 2.05
CA VAL A 387 -5.29 19.31 1.74
C VAL A 387 -5.46 17.80 1.71
N PHE A 388 -4.51 17.08 1.09
CA PHE A 388 -4.63 15.63 1.02
C PHE A 388 -4.51 14.99 2.40
N GLY A 389 -3.61 15.50 3.25
CA GLY A 389 -3.54 14.97 4.60
C GLY A 389 -4.84 15.17 5.38
N ALA A 390 -5.41 16.38 5.29
CA ALA A 390 -6.66 16.66 5.99
C ALA A 390 -7.80 15.79 5.46
N SER A 391 -7.85 15.58 4.14
CA SER A 391 -8.90 14.77 3.55
C SER A 391 -8.79 13.32 4.00
N ALA A 392 -7.56 12.79 4.04
CA ALA A 392 -7.36 11.43 4.52
C ALA A 392 -7.78 11.28 5.97
N THR A 393 -7.43 12.25 6.81
CA THR A 393 -7.84 12.19 8.22
C THR A 393 -9.35 12.23 8.36
N ALA A 394 -10.02 13.10 7.59
CA ALA A 394 -11.48 13.17 7.65
C ALA A 394 -12.12 11.88 7.21
N MET A 395 -11.62 11.28 6.13
CA MET A 395 -12.18 10.00 5.67
C MET A 395 -11.95 8.90 6.69
N ALA A 396 -10.79 8.89 7.34
CA ALA A 396 -10.54 7.89 8.37
C ALA A 396 -11.51 8.05 9.55
N LEU A 397 -11.77 9.29 9.97
CA LEU A 397 -12.58 9.50 11.15
C LEU A 397 -14.08 9.30 10.88
N LEU A 398 -14.57 9.77 9.74
CA LEU A 398 -16.02 9.87 9.53
C LEU A 398 -16.59 8.80 8.60
N THR A 399 -15.83 7.76 8.27
CA THR A 399 -16.33 6.73 7.36
C THR A 399 -16.07 5.35 7.95
N LYS A 400 -17.07 4.48 7.83
CA LYS A 400 -16.98 3.10 8.32
C LYS A 400 -16.74 2.08 7.21
N THR A 401 -16.72 2.52 5.95
CA THR A 401 -16.50 1.65 4.82
C THR A 401 -15.14 1.93 4.16
N VAL A 402 -14.13 2.19 4.98
CA VAL A 402 -12.78 2.53 4.44
C VAL A 402 -12.10 1.26 3.89
N TYR A 403 -12.35 0.11 4.52
CA TYR A 403 -11.69 -1.12 4.08
C TYR A 403 -12.20 -1.60 2.74
N GLY A 404 -13.52 -1.54 2.52
CA GLY A 404 -14.06 -1.93 1.23
C GLY A 404 -13.57 -1.03 0.10
N LEU A 405 -13.51 0.28 0.37
CA LEU A 405 -12.98 1.21 -0.62
C LEU A 405 -11.51 0.93 -0.92
N TRP A 406 -10.73 0.61 0.12
CA TRP A 406 -9.33 0.27 -0.07
C TRP A 406 -9.17 -0.96 -0.96
N TYR A 407 -9.93 -2.02 -0.67
CA TYR A 407 -9.85 -3.23 -1.48
C TYR A 407 -10.27 -2.97 -2.92
N LEU A 408 -11.38 -2.24 -3.11
CA LEU A 408 -11.85 -1.95 -4.46
C LEU A 408 -10.84 -1.11 -5.24
N SER A 409 -10.22 -0.12 -4.59
CA SER A 409 -9.23 0.70 -5.26
C SER A 409 -8.00 -0.11 -5.64
N SER A 410 -7.57 -1.03 -4.78
CA SER A 410 -6.43 -1.88 -5.12
C SER A 410 -6.75 -2.78 -6.32
N ASP A 411 -7.95 -3.37 -6.35
CA ASP A 411 -8.33 -4.16 -7.51
C ASP A 411 -8.38 -3.33 -8.78
N LEU A 412 -8.90 -2.09 -8.68
CA LEU A 412 -8.94 -1.23 -9.85
C LEU A 412 -7.54 -0.90 -10.36
N VAL A 413 -6.62 -0.60 -9.44
CA VAL A 413 -5.24 -0.33 -9.85
C VAL A 413 -4.65 -1.53 -10.57
N TYR A 414 -4.79 -2.72 -9.98
CA TYR A 414 -4.23 -3.92 -10.57
C TYR A 414 -4.83 -4.21 -11.94
N ILE A 415 -6.13 -4.02 -12.09
CA ILE A 415 -6.80 -4.33 -13.36
C ILE A 415 -6.43 -3.32 -14.44
N VAL A 416 -6.35 -2.04 -14.09
CA VAL A 416 -6.26 -1.00 -15.12
C VAL A 416 -4.82 -0.58 -15.39
N ILE A 417 -4.05 -0.20 -14.36
CA ILE A 417 -2.79 0.48 -14.60
C ILE A 417 -1.72 -0.48 -15.12
N PHE A 418 -1.68 -1.70 -14.58
CA PHE A 418 -0.60 -2.64 -14.92
C PHE A 418 -0.53 -2.96 -16.41
N PRO A 419 -1.62 -3.31 -17.11
CA PRO A 419 -1.50 -3.53 -18.57
C PRO A 419 -1.03 -2.32 -19.33
N GLN A 420 -1.43 -1.11 -18.91
CA GLN A 420 -0.97 0.09 -19.60
C GLN A 420 0.53 0.28 -19.43
N LEU A 421 1.05 0.01 -18.23
CA LEU A 421 2.49 0.09 -18.01
C LEU A 421 3.23 -0.92 -18.87
N LEU A 422 2.72 -2.16 -18.94
CA LEU A 422 3.35 -3.15 -19.81
C LEU A 422 3.36 -2.69 -21.26
N CYS A 423 2.23 -2.15 -21.73
CA CYS A 423 2.13 -1.72 -23.13
C CYS A 423 3.07 -0.56 -23.43
N VAL A 424 3.16 0.43 -22.54
CA VAL A 424 4.02 1.57 -22.83
C VAL A 424 5.49 1.19 -22.73
N LEU A 425 5.85 0.25 -21.86
CA LEU A 425 7.27 -0.06 -21.69
C LEU A 425 7.78 -1.05 -22.74
N PHE A 426 7.06 -2.17 -22.94
CA PHE A 426 7.61 -3.27 -23.70
C PHE A 426 6.94 -3.51 -25.06
N VAL A 427 5.82 -2.84 -25.35
CA VAL A 427 5.11 -3.05 -26.60
C VAL A 427 5.29 -1.81 -27.48
N LYS A 428 5.69 -2.03 -28.73
CA LYS A 428 5.92 -0.96 -29.68
C LYS A 428 4.77 -0.90 -30.66
N GLY A 429 4.29 0.31 -30.93
CA GLY A 429 3.16 0.51 -31.82
C GLY A 429 1.83 0.78 -31.15
N THR A 430 1.81 0.91 -29.82
CA THR A 430 0.57 1.22 -29.12
C THR A 430 0.15 2.65 -29.39
N ASN A 431 -1.15 2.86 -29.52
CA ASN A 431 -1.75 4.18 -29.70
C ASN A 431 -2.67 4.48 -28.52
N THR A 432 -3.33 5.63 -28.57
CA THR A 432 -4.30 5.99 -27.55
C THR A 432 -5.65 5.32 -27.75
N TYR A 433 -5.95 4.84 -28.96
CA TYR A 433 -7.18 4.09 -29.18
C TYR A 433 -7.21 2.83 -28.33
N GLY A 434 -6.12 2.06 -28.37
CA GLY A 434 -6.04 0.88 -27.52
C GLY A 434 -6.06 1.21 -26.05
N ALA A 435 -5.46 2.34 -25.67
CA ALA A 435 -5.48 2.76 -24.27
C ALA A 435 -6.90 3.03 -23.80
N VAL A 436 -7.68 3.74 -24.61
CA VAL A 436 -9.08 4.00 -24.26
C VAL A 436 -9.87 2.70 -24.19
N ALA A 437 -9.66 1.82 -25.17
CA ALA A 437 -10.39 0.55 -25.18
C ALA A 437 -10.08 -0.29 -23.94
N GLY A 438 -8.80 -0.38 -23.58
CA GLY A 438 -8.42 -1.14 -22.40
C GLY A 438 -8.96 -0.52 -21.12
N TYR A 439 -8.93 0.80 -21.03
CA TYR A 439 -9.49 1.48 -19.86
C TYR A 439 -10.97 1.15 -19.69
N VAL A 440 -11.74 1.26 -20.77
CA VAL A 440 -13.17 1.00 -20.70
C VAL A 440 -13.44 -0.46 -20.35
N SER A 441 -12.72 -1.39 -20.99
CA SER A 441 -12.95 -2.81 -20.74
C SER A 441 -12.63 -3.17 -19.28
N GLY A 442 -11.49 -2.69 -18.78
CA GLY A 442 -11.12 -2.98 -17.41
C GLY A 442 -12.09 -2.39 -16.41
N LEU A 443 -12.56 -1.16 -16.65
CA LEU A 443 -13.52 -0.55 -15.75
C LEU A 443 -14.84 -1.30 -15.76
N PHE A 444 -15.30 -1.74 -16.94
CA PHE A 444 -16.58 -2.42 -17.04
C PHE A 444 -16.55 -3.78 -16.38
N LEU A 445 -15.51 -4.58 -16.63
CA LEU A 445 -15.46 -5.95 -16.16
C LEU A 445 -15.29 -6.07 -14.66
N ARG A 446 -14.88 -5.01 -13.96
CA ARG A 446 -14.78 -5.04 -12.51
C ARG A 446 -16.05 -4.56 -11.82
N ILE A 447 -16.68 -3.51 -12.34
CA ILE A 447 -17.97 -3.07 -11.81
C ILE A 447 -19.03 -4.15 -12.02
N THR A 448 -19.07 -4.75 -13.20
CA THR A 448 -19.93 -5.91 -13.39
C THR A 448 -19.37 -7.09 -12.62
N GLY A 449 -20.00 -7.41 -11.49
CA GLY A 449 -19.42 -8.30 -10.50
C GLY A 449 -19.24 -7.53 -9.22
N GLY A 450 -20.08 -7.79 -8.23
CA GLY A 450 -20.24 -6.91 -7.10
C GLY A 450 -19.11 -7.00 -6.10
N GLU A 451 -19.25 -6.21 -5.04
CA GLU A 451 -18.28 -6.16 -3.95
C GLU A 451 -19.04 -6.32 -2.64
N PRO A 452 -18.97 -7.49 -2.00
CA PRO A 452 -19.73 -7.74 -0.76
C PRO A 452 -19.48 -6.71 0.34
N TYR A 453 -18.23 -6.27 0.49
CA TYR A 453 -17.89 -5.36 1.58
C TYR A 453 -18.58 -4.01 1.43
N LEU A 454 -19.02 -3.64 0.23
CA LEU A 454 -19.77 -2.41 0.00
C LEU A 454 -21.25 -2.70 -0.24
N TYR A 455 -21.68 -3.94 0.00
CA TYR A 455 -23.08 -4.35 -0.14
C TYR A 455 -23.60 -4.08 -1.55
N LEU A 456 -22.81 -4.49 -2.54
CA LEU A 456 -23.17 -4.34 -3.95
C LEU A 456 -23.42 -5.71 -4.56
N GLN A 457 -24.58 -5.88 -5.18
CA GLN A 457 -24.93 -7.16 -5.78
C GLN A 457 -24.26 -7.33 -7.13
N PRO A 458 -23.72 -8.53 -7.39
CA PRO A 458 -23.14 -8.79 -8.71
C PRO A 458 -24.16 -8.62 -9.83
N LEU A 459 -23.68 -8.10 -10.97
CA LEU A 459 -24.49 -7.97 -12.17
C LEU A 459 -24.29 -9.11 -13.16
N ILE A 460 -23.09 -9.67 -13.25
CA ILE A 460 -22.81 -10.85 -14.05
C ILE A 460 -22.46 -11.99 -13.10
N PHE A 461 -23.13 -13.13 -13.26
CA PHE A 461 -22.99 -14.26 -12.36
C PHE A 461 -22.11 -15.32 -13.01
N TYR A 462 -21.02 -15.67 -12.35
CA TYR A 462 -20.05 -16.64 -12.82
C TYR A 462 -20.31 -18.01 -12.20
N PRO A 463 -19.81 -19.08 -12.82
CA PRO A 463 -20.06 -20.43 -12.27
C PRO A 463 -19.48 -20.58 -10.88
N GLY A 464 -20.37 -20.80 -9.91
CA GLY A 464 -19.94 -21.04 -8.54
C GLY A 464 -20.33 -19.95 -7.57
N TYR A 465 -21.42 -19.23 -7.86
CA TYR A 465 -21.86 -18.16 -6.97
C TYR A 465 -22.72 -18.71 -5.85
N TYR A 466 -22.48 -18.23 -4.63
CA TYR A 466 -23.19 -18.67 -3.45
C TYR A 466 -23.57 -17.47 -2.59
N PRO A 467 -24.69 -17.55 -1.88
CA PRO A 467 -25.06 -16.48 -0.95
C PRO A 467 -24.34 -16.59 0.38
N ASP A 468 -24.35 -15.48 1.11
CA ASP A 468 -23.71 -15.40 2.42
C ASP A 468 -24.75 -15.02 3.48
N ASP A 469 -24.27 -14.70 4.69
CA ASP A 469 -25.16 -14.41 5.80
C ASP A 469 -26.07 -13.21 5.51
N ASN A 470 -25.52 -12.17 4.91
CA ASN A 470 -26.27 -10.95 4.65
C ASN A 470 -27.11 -11.01 3.37
N GLY A 471 -27.04 -12.11 2.63
CA GLY A 471 -27.79 -12.26 1.41
C GLY A 471 -27.16 -11.67 0.16
N ILE A 472 -25.92 -11.18 0.27
CA ILE A 472 -25.21 -10.64 -0.88
C ILE A 472 -24.36 -11.75 -1.49
N TYR A 473 -24.52 -11.97 -2.79
CA TYR A 473 -23.88 -13.10 -3.44
C TYR A 473 -22.37 -12.91 -3.53
N ASN A 474 -21.64 -14.02 -3.55
CA ASN A 474 -20.20 -14.04 -3.70
C ASN A 474 -19.83 -14.80 -4.97
N GLN A 475 -18.55 -14.78 -5.30
CA GLN A 475 -18.03 -15.41 -6.50
C GLN A 475 -16.90 -16.39 -6.16
N LYS A 476 -16.76 -17.42 -7.00
CA LYS A 476 -15.70 -18.39 -6.84
C LYS A 476 -14.77 -18.48 -8.05
N PHE A 477 -15.12 -17.83 -9.15
CA PHE A 477 -14.40 -17.77 -10.40
C PHE A 477 -13.37 -16.64 -10.37
N PRO A 478 -12.17 -16.87 -10.89
CA PRO A 478 -11.16 -15.79 -10.90
C PRO A 478 -11.45 -14.74 -11.95
N PHE A 479 -12.41 -13.85 -11.67
CA PHE A 479 -12.84 -12.89 -12.68
C PHE A 479 -11.94 -11.66 -12.74
N LYS A 480 -11.16 -11.39 -11.69
CA LYS A 480 -10.29 -10.22 -11.71
C LYS A 480 -9.09 -10.43 -12.62
N THR A 481 -8.45 -11.60 -12.53
CA THR A 481 -7.34 -11.92 -13.44
C THR A 481 -7.83 -11.98 -14.89
N LEU A 482 -9.03 -12.53 -15.08
CA LEU A 482 -9.63 -12.56 -16.44
C LEU A 482 -9.78 -11.12 -16.93
N ALA A 483 -10.32 -10.23 -16.08
CA ALA A 483 -10.52 -8.84 -16.48
C ALA A 483 -9.20 -8.19 -16.87
N MET A 484 -8.14 -8.43 -16.09
CA MET A 484 -6.84 -7.85 -16.41
C MET A 484 -6.32 -8.35 -17.76
N VAL A 485 -6.40 -9.66 -17.99
CA VAL A 485 -5.92 -10.23 -19.25
C VAL A 485 -6.74 -9.71 -20.42
N THR A 486 -8.06 -9.60 -20.24
CA THR A 486 -8.91 -9.06 -21.30
C THR A 486 -8.56 -7.62 -21.61
N SER A 487 -8.28 -6.82 -20.57
CA SER A 487 -7.90 -5.42 -20.80
C SER A 487 -6.60 -5.33 -21.59
N PHE A 488 -5.60 -6.15 -21.24
CA PHE A 488 -4.33 -6.14 -21.96
C PHE A 488 -4.53 -6.54 -23.43
N LEU A 489 -5.27 -7.62 -23.66
CA LEU A 489 -5.49 -8.09 -25.02
C LEU A 489 -6.27 -7.07 -25.85
N THR A 490 -7.28 -6.43 -25.23
CA THR A 490 -8.04 -5.41 -25.93
C THR A 490 -7.16 -4.23 -26.30
N ASN A 491 -6.29 -3.79 -25.37
CA ASN A 491 -5.35 -2.72 -25.68
C ASN A 491 -4.53 -3.05 -26.92
N ILE A 492 -3.90 -4.24 -26.93
CA ILE A 492 -3.02 -4.59 -28.04
C ILE A 492 -3.81 -4.67 -29.34
N CYS A 493 -4.95 -5.37 -29.31
CA CYS A 493 -5.70 -5.61 -30.54
C CYS A 493 -6.25 -4.31 -31.13
N ILE A 494 -6.82 -3.44 -30.28
CA ILE A 494 -7.38 -2.20 -30.79
C ILE A 494 -6.28 -1.27 -31.28
N SER A 495 -5.14 -1.23 -30.58
CA SER A 495 -4.03 -0.42 -31.05
C SER A 495 -3.59 -0.84 -32.44
N TYR A 496 -3.38 -2.14 -32.65
CA TYR A 496 -2.88 -2.59 -33.94
C TYR A 496 -3.95 -2.45 -35.03
N LEU A 497 -5.23 -2.67 -34.69
CA LEU A 497 -6.29 -2.49 -35.67
C LEU A 497 -6.37 -1.03 -36.12
N ALA A 498 -6.30 -0.09 -35.17
CA ALA A 498 -6.32 1.33 -35.54
C ALA A 498 -5.11 1.69 -36.38
N LYS A 499 -3.93 1.17 -36.02
CA LYS A 499 -2.74 1.45 -36.80
C LYS A 499 -2.88 0.95 -38.23
N TYR A 500 -3.40 -0.27 -38.41
CA TYR A 500 -3.59 -0.80 -39.75
C TYR A 500 -4.62 0.02 -40.53
N LEU A 501 -5.72 0.39 -39.86
CA LEU A 501 -6.78 1.12 -40.56
C LEU A 501 -6.31 2.49 -41.01
N PHE A 502 -5.54 3.19 -40.19
CA PHE A 502 -5.14 4.55 -40.54
C PHE A 502 -3.90 4.59 -41.42
N GLU A 503 -2.94 3.69 -41.20
CA GLU A 503 -1.72 3.70 -42.00
C GLU A 503 -2.01 3.40 -43.47
N SER A 504 -2.87 2.42 -43.73
CA SER A 504 -3.24 2.07 -45.10
C SER A 504 -4.63 1.45 -45.05
N GLY A 505 -5.64 2.23 -45.44
CA GLY A 505 -7.01 1.75 -45.42
C GLY A 505 -7.95 2.78 -45.99
N THR A 506 -9.24 2.44 -45.95
CA THR A 506 -10.27 3.33 -46.47
C THR A 506 -10.58 4.50 -45.55
N LEU A 507 -10.09 4.48 -44.32
CA LEU A 507 -10.39 5.55 -43.38
C LEU A 507 -9.63 6.82 -43.78
N PRO A 508 -10.32 7.93 -44.01
CA PRO A 508 -9.61 9.16 -44.37
C PRO A 508 -8.82 9.69 -43.19
N PRO A 509 -7.73 10.41 -43.44
CA PRO A 509 -6.95 10.97 -42.32
C PRO A 509 -7.71 11.98 -41.49
N LYS A 510 -8.77 12.58 -42.02
CA LYS A 510 -9.51 13.59 -41.26
C LYS A 510 -10.25 13.00 -40.07
N LEU A 511 -10.49 11.69 -40.05
CA LEU A 511 -11.20 11.06 -38.95
C LEU A 511 -10.30 10.73 -37.78
N ASP A 512 -9.01 11.06 -37.86
CA ASP A 512 -8.09 10.86 -36.74
C ASP A 512 -8.36 11.90 -35.66
N VAL A 513 -9.31 11.62 -34.76
CA VAL A 513 -9.63 12.56 -33.70
C VAL A 513 -8.42 12.77 -32.79
N PHE A 514 -7.73 11.69 -32.44
CA PHE A 514 -6.46 11.76 -31.73
C PHE A 514 -5.33 11.56 -32.72
N ASP A 515 -4.37 12.47 -32.72
CA ASP A 515 -3.26 12.40 -33.67
C ASP A 515 -2.27 11.35 -33.16
N ALA A 516 -2.47 10.11 -33.58
CA ALA A 516 -1.61 9.00 -33.17
C ALA A 516 -0.99 8.23 -34.32
N VAL A 517 -1.54 8.30 -35.53
CA VAL A 517 -0.99 7.58 -36.67
C VAL A 517 -0.53 8.56 -37.74
C1 NAG B . -12.48 -21.08 33.30
C2 NAG B . -13.00 -22.50 33.58
C3 NAG B . -13.72 -22.54 34.92
C4 NAG B . -12.84 -21.97 36.03
C5 NAG B . -12.34 -20.59 35.63
C6 NAG B . -11.36 -20.01 36.63
C7 NAG B . -13.76 -24.13 31.91
C8 NAG B . -14.75 -24.42 30.83
N2 NAG B . -13.88 -22.94 32.50
O3 NAG B . -14.08 -23.89 35.21
O4 NAG B . -13.58 -21.87 37.24
O5 NAG B . -11.66 -20.66 34.38
O6 NAG B . -11.41 -18.59 36.64
O7 NAG B . -12.90 -24.93 32.23
C1 NAG B . -13.21 -22.93 38.14
C2 NAG B . -12.96 -22.34 39.53
C3 NAG B . -12.65 -23.45 40.53
C4 NAG B . -13.75 -24.50 40.50
C5 NAG B . -13.94 -25.02 39.08
C6 NAG B . -15.07 -26.01 38.95
C7 NAG B . -11.83 -20.31 40.34
C8 NAG B . -10.65 -19.41 40.18
N2 NAG B . -11.89 -21.36 39.50
O3 NAG B . -12.55 -22.89 41.83
O4 NAG B . -13.42 -25.58 41.38
O5 NAG B . -14.23 -23.92 38.20
O6 NAG B . -16.33 -25.35 38.90
O7 NAG B . -12.70 -20.11 41.19
C1 BMA B . -14.36 -25.60 42.48
C2 BMA B . -13.56 -25.35 43.80
C3 BMA B . -14.53 -25.19 44.98
C4 BMA B . -15.65 -24.20 44.66
C5 BMA B . -16.36 -24.61 43.36
C6 BMA B . -17.48 -23.67 42.96
O2 BMA B . -12.80 -24.16 43.72
O3 BMA B . -13.84 -24.78 46.15
O4 BMA B . -16.59 -24.15 45.72
O5 BMA B . -15.38 -24.63 42.31
O6 BMA B . -18.10 -24.18 41.80
NA NA C . 5.54 1.39 7.02
NA NA D . 7.94 6.41 3.99
CAC HC6 E . -0.53 -3.60 -1.69
NAA HC6 E . 0.54 -2.48 -1.74
CBA HC6 E . 1.76 -2.92 -1.01
CBB HC6 E . 0.88 -2.26 -3.16
CAB HC6 E . 0.15 -1.12 -1.14
CAF HC6 E . -1.40 -0.88 -1.08
OAE HC6 E . -2.18 -2.01 -1.48
CAD HC6 E . -1.76 -3.15 -0.88
OBC HC6 E . -1.35 -2.81 0.41
CAG HC6 E . -2.81 -4.26 -0.70
CAL HC6 E . -3.53 -4.90 -1.67
CAK HC6 E . -4.46 -5.90 -1.30
CAH HC6 E . -3.01 -4.61 0.59
CAI HC6 E . -3.89 -5.55 0.98
CAJ HC6 E . -4.62 -6.24 0.04
CAM HC6 E . -5.52 -7.16 0.61
CAR HC6 E . -6.74 -7.42 0.02
CAQ HC6 E . -7.65 -8.26 0.64
CAN HC6 E . -5.25 -7.75 1.84
CAO HC6 E . -6.16 -8.60 2.45
CAP HC6 E . -7.36 -8.87 1.85
CAS HC6 E . -8.41 -9.78 2.47
OBD HC6 E . -8.32 -11.10 2.03
CAX HC6 E . -8.45 -9.73 4.01
OAT HC6 E . -9.64 -9.30 2.05
CAU HC6 E . -10.75 -10.05 2.45
CAV HC6 E . -10.96 -10.00 3.94
NAW HC6 E . -9.70 -10.37 4.63
CAZ HC6 E . -9.50 -11.84 4.74
CAY HC6 E . -9.94 -9.86 6.03
CL CL F . -0.31 -1.57 4.95
#